data_4UTV
#
_entry.id   4UTV
#
_cell.length_a   88.910
_cell.length_b   88.910
_cell.length_c   305.330
_cell.angle_alpha   90.00
_cell.angle_beta   90.00
_cell.angle_gamma   120.00
#
_symmetry.space_group_name_H-M   'P 65 2 2'
#
loop_
_entity.id
_entity.type
_entity.pdbx_description
1 polymer 'NAD-DEPENDENT PROTEIN DEACYLASE SIRTUIN-5, MITOCHONDRIAL'
2 polymer 'CARBAMOYLPHOSPHATE SYNTHETASE I'
3 non-polymer 'ZINC ION'
4 non-polymer '4-(2-HYDROXYETHYL)-1-PIPERAZINE ETHANESULFONIC ACID'
5 non-polymer 'DIMETHYL SULFOXIDE'
6 non-polymer 'SODIUM ION'
7 non-polymer '(2R)-2-phenylbutanedioic acid'
8 non-polymer '(2S)-2-phenylbutanedioic acid'
9 water water
#
loop_
_entity_poly.entity_id
_entity_poly.type
_entity_poly.pdbx_seq_one_letter_code
_entity_poly.pdbx_strand_id
1 'polypeptide(L)'
;GIDPFTTRPSSDLTAFREHFAKAKHIAIITGAGVSAESGVPTFRGPGGFWRKWQAQDLATPEAFSRDPSLVWEFYHYRRE
VMRSKMPNPAHLAIAECEARLGQQGRSVVIITQNIDELHHRAGSKHVYEIHGSLFKTRCMSCGEVKANHKSPICPALDGK
GAPDPNTKEARIPVELLPRCERKSCNGLLRPHVVWFGETLDSDILTAVERELEKCDLCLVVGTSSIVYPAAMFAPQVASR
GVPVAEFNMECTPATQRFKYHFEGPCGSTLPPALE
;
A,B
2 'polypeptide(L)' (BEZ)GVLKEYGV C
#
loop_
_chem_comp.id
_chem_comp.type
_chem_comp.name
_chem_comp.formula
BEZ non-polymer 'BENZOIC ACID' 'C7 H6 O2'
DMS non-polymer 'DIMETHYL SULFOXIDE' 'C2 H6 O S'
EPE non-polymer '4-(2-HYDROXYETHYL)-1-PIPERAZINE ETHANESULFONIC ACID' 'C8 H18 N2 O4 S'
F9V non-polymer '(2S)-2-phenylbutanedioic acid' 'C10 H10 O4'
FSL non-polymer '(2R)-2-phenylbutanedioic acid' 'C10 H10 O4'
NA non-polymer 'SODIUM ION' 'Na 1'
ZN non-polymer 'ZINC ION' 'Zn 2'
#
# COMPACT_ATOMS: atom_id res chain seq x y z
N ASP A 12 16.76 19.85 -6.49
CA ASP A 12 15.83 20.91 -6.04
C ASP A 12 14.34 20.48 -6.16
N LEU A 13 13.79 20.17 -5.01
CA LEU A 13 12.43 19.67 -4.92
C LEU A 13 11.42 20.70 -5.45
N THR A 14 11.66 21.97 -5.13
CA THR A 14 10.73 23.02 -5.57
C THR A 14 10.71 23.12 -7.09
N ALA A 15 11.87 23.03 -7.73
CA ALA A 15 11.90 23.12 -9.18
C ALA A 15 11.20 21.89 -9.79
N PHE A 16 11.42 20.71 -9.18
CA PHE A 16 10.73 19.53 -9.68
C PHE A 16 9.20 19.74 -9.55
N ARG A 17 8.77 20.23 -8.39
CA ARG A 17 7.34 20.36 -8.18
C ARG A 17 6.69 21.38 -9.07
N GLU A 18 7.43 22.38 -9.52
CA GLU A 18 6.90 23.31 -10.55
C GLU A 18 6.58 22.57 -11.84
N HIS A 19 7.44 21.64 -12.26
CA HIS A 19 7.14 20.83 -13.42
C HIS A 19 6.02 19.87 -13.14
N PHE A 20 6.04 19.23 -11.98
CA PHE A 20 4.98 18.31 -11.61
C PHE A 20 3.58 18.96 -11.68
N ALA A 21 3.46 20.18 -11.17
CA ALA A 21 2.15 20.89 -11.15
C ALA A 21 1.62 21.13 -12.55
N LYS A 22 2.48 21.23 -13.56
CA LYS A 22 2.11 21.59 -14.93
C LYS A 22 1.99 20.38 -15.86
N ALA A 23 2.60 19.27 -15.45
CA ALA A 23 2.63 18.10 -16.33
C ALA A 23 1.23 17.50 -16.50
N LYS A 24 0.84 17.26 -17.75
CA LYS A 24 -0.42 16.59 -18.09
C LYS A 24 -0.29 15.10 -18.30
N HIS A 25 0.93 14.58 -18.49
CA HIS A 25 1.14 13.17 -18.83
C HIS A 25 2.46 12.70 -18.27
N ILE A 26 2.43 11.96 -17.17
CA ILE A 26 3.62 11.59 -16.44
C ILE A 26 3.86 10.09 -16.71
N ALA A 27 5.06 9.73 -17.06
CA ALA A 27 5.43 8.34 -17.15
C ALA A 27 6.41 8.04 -16.04
N ILE A 28 6.11 6.99 -15.29
CA ILE A 28 6.97 6.60 -14.19
C ILE A 28 7.52 5.22 -14.49
N ILE A 29 8.84 5.11 -14.60
CA ILE A 29 9.53 3.85 -14.82
C ILE A 29 10.04 3.35 -13.49
N THR A 30 9.72 2.10 -13.11
CA THR A 30 10.21 1.58 -11.84
C THR A 30 11.06 0.33 -12.04
N GLY A 31 12.19 0.32 -11.27
CA GLY A 31 13.15 -0.73 -11.27
C GLY A 31 13.18 -1.46 -9.96
N ALA A 32 14.20 -2.30 -9.84
CA ALA A 32 14.27 -3.25 -8.74
C ALA A 32 14.31 -2.61 -7.39
N GLY A 33 14.83 -1.39 -7.31
CA GLY A 33 14.87 -0.73 -6.03
C GLY A 33 13.53 -0.54 -5.33
N VAL A 34 12.48 -0.40 -6.12
CA VAL A 34 11.20 -0.12 -5.42
C VAL A 34 10.61 -1.40 -4.85
N SER A 35 11.05 -2.54 -5.41
CA SER A 35 10.58 -3.86 -4.90
C SER A 35 11.49 -4.30 -3.77
N ALA A 36 12.77 -3.95 -3.86
CA ALA A 36 13.68 -4.25 -2.73
C ALA A 36 13.23 -3.59 -1.44
N GLU A 37 12.63 -2.42 -1.50
CA GLU A 37 12.13 -1.76 -0.25
C GLU A 37 10.87 -2.39 0.36
N SER A 38 10.25 -3.28 -0.41
CA SER A 38 9.14 -4.02 0.15
C SER A 38 9.64 -5.38 0.64
N GLY A 39 10.92 -5.66 0.51
CA GLY A 39 11.46 -6.92 1.03
C GLY A 39 11.33 -8.12 0.12
N VAL A 40 11.25 -7.87 -1.18
CA VAL A 40 10.99 -8.87 -2.20
C VAL A 40 12.29 -9.53 -2.61
N PRO A 41 12.50 -10.77 -2.26
CA PRO A 41 13.82 -11.36 -2.56
C PRO A 41 13.92 -11.59 -4.06
N THR A 42 15.09 -11.36 -4.66
CA THR A 42 15.25 -11.71 -6.07
C THR A 42 16.34 -12.68 -6.32
N PHE A 43 17.12 -13.03 -5.31
CA PHE A 43 18.04 -14.17 -5.44
C PHE A 43 19.26 -13.94 -6.35
N ARG A 44 19.72 -12.70 -6.35
CA ARG A 44 20.80 -12.32 -7.19
C ARG A 44 21.92 -11.85 -6.31
N GLY A 45 23.10 -12.45 -6.45
CA GLY A 45 24.27 -11.90 -5.82
C GLY A 45 24.47 -12.32 -4.36
N PRO A 46 24.73 -11.33 -3.53
CA PRO A 46 25.56 -11.59 -2.37
C PRO A 46 24.93 -12.53 -1.34
N GLY A 47 25.04 -13.84 -1.59
CA GLY A 47 24.43 -14.85 -0.69
C GLY A 47 22.90 -14.93 -0.80
N GLY A 48 22.37 -14.32 -1.86
CA GLY A 48 20.97 -14.42 -2.22
C GLY A 48 20.64 -15.75 -2.87
N PHE A 49 20.69 -16.78 -2.03
CA PHE A 49 20.47 -18.15 -2.47
C PHE A 49 19.07 -18.66 -2.16
N TRP A 50 18.59 -19.51 -3.06
CA TRP A 50 17.42 -20.31 -2.80
C TRP A 50 17.88 -21.76 -2.87
N ARG A 51 17.86 -22.48 -1.75
CA ARG A 51 18.53 -23.76 -1.64
C ARG A 51 19.95 -23.54 -2.20
N LYS A 52 20.46 -24.40 -3.07
CA LYS A 52 21.80 -24.19 -3.54
C LYS A 52 21.91 -23.34 -4.77
N TRP A 53 20.86 -22.67 -5.22
CA TRP A 53 20.88 -21.96 -6.53
C TRP A 53 20.66 -20.46 -6.46
N GLN A 54 21.11 -19.74 -7.47
CA GLN A 54 20.68 -18.37 -7.66
C GLN A 54 19.73 -18.19 -8.83
N ALA A 55 19.14 -17.00 -8.91
CA ALA A 55 18.18 -16.72 -10.00
C ALA A 55 18.76 -17.01 -11.39
N GLN A 56 20.03 -16.70 -11.60
CA GLN A 56 20.74 -17.00 -12.86
C GLN A 56 20.62 -18.48 -13.24
N ASP A 57 20.53 -19.39 -12.28
CA ASP A 57 20.49 -20.80 -12.62
C ASP A 57 19.08 -21.24 -12.97
N LEU A 58 18.09 -20.52 -12.42
CA LEU A 58 16.73 -21.05 -12.48
C LEU A 58 15.84 -20.29 -13.42
N ALA A 59 16.11 -19.00 -13.58
CA ALA A 59 15.23 -18.12 -14.37
C ALA A 59 15.67 -18.12 -15.83
N THR A 60 15.62 -19.32 -16.41
CA THR A 60 16.04 -19.58 -17.78
C THR A 60 15.16 -20.66 -18.35
N PRO A 61 14.87 -20.57 -19.67
CA PRO A 61 14.11 -21.64 -20.34
C PRO A 61 14.81 -23.00 -20.33
N GLU A 62 16.14 -23.00 -20.28
CA GLU A 62 16.91 -24.25 -20.23
C GLU A 62 16.74 -24.93 -18.87
N ALA A 63 16.72 -24.15 -17.80
CA ALA A 63 16.47 -24.75 -16.47
C ALA A 63 15.05 -25.34 -16.46
N PHE A 64 14.09 -24.60 -17.00
CA PHE A 64 12.72 -25.09 -17.03
C PHE A 64 12.56 -26.35 -17.87
N SER A 65 13.27 -26.43 -18.98
CA SER A 65 13.21 -27.58 -19.85
C SER A 65 13.78 -28.81 -19.14
N ARG A 66 14.85 -28.63 -18.39
CA ARG A 66 15.58 -29.73 -17.72
C ARG A 66 14.96 -30.18 -16.40
N ASP A 67 14.41 -29.20 -15.67
CA ASP A 67 13.86 -29.53 -14.37
C ASP A 67 12.67 -28.62 -14.03
N PRO A 68 11.56 -28.84 -14.70
CA PRO A 68 10.41 -27.99 -14.50
C PRO A 68 9.87 -28.02 -13.07
N SER A 69 9.97 -29.14 -12.39
CA SER A 69 9.53 -29.19 -10.99
C SER A 69 10.35 -28.24 -10.12
N LEU A 70 11.65 -28.24 -10.34
CA LEU A 70 12.53 -27.39 -9.51
C LEU A 70 12.24 -25.91 -9.78
N VAL A 71 12.05 -25.55 -11.05
CA VAL A 71 11.79 -24.19 -11.41
C VAL A 71 10.42 -23.76 -10.89
N TRP A 72 9.43 -24.66 -10.95
CA TRP A 72 8.12 -24.32 -10.37
C TRP A 72 8.16 -24.20 -8.85
N GLU A 73 8.99 -24.99 -8.16
CA GLU A 73 9.14 -24.83 -6.71
C GLU A 73 9.64 -23.42 -6.39
N PHE A 74 10.62 -22.97 -7.17
CA PHE A 74 11.20 -21.64 -7.01
C PHE A 74 10.14 -20.55 -7.28
N TYR A 75 9.39 -20.66 -8.36
CA TYR A 75 8.36 -19.65 -8.63
C TYR A 75 7.20 -19.72 -7.63
N HIS A 76 6.88 -20.91 -7.17
CA HIS A 76 5.84 -21.07 -6.14
C HIS A 76 6.25 -20.36 -4.85
N TYR A 77 7.48 -20.60 -4.43
CA TYR A 77 8.03 -19.88 -3.28
C TYR A 77 7.87 -18.38 -3.46
N ARG A 78 8.28 -17.85 -4.59
CA ARG A 78 8.20 -16.43 -4.85
C ARG A 78 6.77 -15.90 -4.84
N ARG A 79 5.84 -16.61 -5.45
CA ARG A 79 4.45 -16.24 -5.36
C ARG A 79 3.99 -16.16 -3.90
N GLU A 80 4.30 -17.21 -3.16
CA GLU A 80 3.76 -17.37 -1.81
C GLU A 80 4.36 -16.36 -0.85
N VAL A 81 5.64 -15.98 -1.02
CA VAL A 81 6.19 -14.95 -0.11
C VAL A 81 5.50 -13.62 -0.29
N MET A 82 4.92 -13.29 -1.45
CA MET A 82 4.23 -12.03 -1.67
C MET A 82 3.03 -11.78 -0.75
N ARG A 83 2.42 -12.83 -0.21
CA ARG A 83 1.40 -12.62 0.82
C ARG A 83 1.93 -11.77 1.99
N SER A 84 3.17 -11.89 2.35
CA SER A 84 3.72 -11.11 3.50
C SER A 84 4.58 -9.94 3.05
N LYS A 85 4.66 -9.72 1.77
CA LYS A 85 5.40 -8.52 1.34
C LYS A 85 4.37 -7.57 0.86
N MET A 86 4.43 -6.33 1.35
CA MET A 86 3.39 -5.35 1.09
C MET A 86 3.92 -4.20 0.26
N PRO A 87 3.00 -3.53 -0.44
CA PRO A 87 3.36 -2.26 -1.05
C PRO A 87 3.89 -1.29 -0.02
N ASN A 88 4.90 -0.52 -0.43
CA ASN A 88 5.52 0.46 0.35
C ASN A 88 4.99 1.85 -0.06
N PRO A 89 5.41 2.87 0.66
CA PRO A 89 4.92 4.19 0.44
C PRO A 89 5.16 4.72 -0.94
N ALA A 90 6.23 4.32 -1.61
CA ALA A 90 6.39 4.69 -3.02
C ALA A 90 5.28 4.11 -3.92
N HIS A 91 4.99 2.83 -3.77
CA HIS A 91 3.89 2.24 -4.55
C HIS A 91 2.59 2.99 -4.27
N LEU A 92 2.34 3.23 -2.99
CA LEU A 92 1.08 3.88 -2.64
C LEU A 92 0.96 5.31 -3.18
N ALA A 93 2.04 6.05 -3.05
CA ALA A 93 2.03 7.43 -3.53
C ALA A 93 1.77 7.45 -5.02
N ILE A 94 2.41 6.54 -5.74
CA ILE A 94 2.23 6.45 -7.19
C ILE A 94 0.82 6.09 -7.55
N ALA A 95 0.18 5.15 -6.86
CA ALA A 95 -1.22 4.85 -7.14
C ALA A 95 -2.15 5.98 -6.80
N GLU A 96 -1.92 6.67 -5.68
CA GLU A 96 -2.82 7.79 -5.33
C GLU A 96 -2.67 8.95 -6.26
N CYS A 97 -1.44 9.19 -6.65
CA CYS A 97 -1.13 10.23 -7.63
C CYS A 97 -1.85 9.94 -8.96
N GLU A 98 -1.77 8.73 -9.46
CA GLU A 98 -2.47 8.32 -10.68
C GLU A 98 -3.96 8.62 -10.53
N ALA A 99 -4.56 8.22 -9.39
CA ALA A 99 -6.02 8.41 -9.24
C ALA A 99 -6.35 9.88 -9.20
N ARG A 100 -5.59 10.64 -8.44
CA ARG A 100 -5.86 12.06 -8.24
C ARG A 100 -5.69 12.82 -9.55
N LEU A 101 -4.61 12.57 -10.28
CA LEU A 101 -4.40 13.25 -11.54
C LEU A 101 -5.43 12.83 -12.57
N GLY A 102 -5.83 11.56 -12.57
CA GLY A 102 -6.84 11.09 -13.53
C GLY A 102 -8.17 11.86 -13.44
N GLN A 103 -8.56 12.18 -12.22
CA GLN A 103 -9.72 12.98 -11.93
C GLN A 103 -9.63 14.40 -12.52
N GLN A 104 -8.41 14.90 -12.66
CA GLN A 104 -8.13 16.19 -13.26
C GLN A 104 -7.90 16.13 -14.76
N GLY A 105 -8.09 14.98 -15.36
CA GLY A 105 -7.79 14.81 -16.80
C GLY A 105 -6.30 14.75 -17.12
N ARG A 106 -5.47 14.44 -16.12
CA ARG A 106 -4.06 14.31 -16.32
C ARG A 106 -3.70 12.82 -16.26
N SER A 107 -2.77 12.38 -17.04
CA SER A 107 -2.53 10.97 -17.02
C SER A 107 -1.20 10.59 -16.37
N VAL A 108 -1.22 9.46 -15.72
CA VAL A 108 -0.03 8.87 -15.14
C VAL A 108 0.04 7.41 -15.56
N VAL A 109 1.20 6.96 -16.09
CA VAL A 109 1.40 5.56 -16.43
C VAL A 109 2.64 5.05 -15.79
N ILE A 110 2.60 3.77 -15.44
CA ILE A 110 3.73 3.09 -14.84
C ILE A 110 4.28 2.09 -15.82
N ILE A 111 5.59 2.08 -15.93
CA ILE A 111 6.34 1.11 -16.75
C ILE A 111 7.23 0.42 -15.78
N THR A 112 6.93 -0.82 -15.42
CA THR A 112 7.73 -1.47 -14.39
C THR A 112 8.52 -2.66 -14.88
N GLN A 113 9.74 -2.78 -14.41
CA GLN A 113 10.44 -4.05 -14.69
C GLN A 113 10.10 -5.16 -13.67
N ASN A 114 9.38 -4.81 -12.61
CA ASN A 114 9.13 -5.73 -11.51
C ASN A 114 7.95 -6.66 -11.82
N ILE A 115 8.05 -7.88 -11.33
CA ILE A 115 7.08 -8.92 -11.62
C ILE A 115 6.20 -9.31 -10.43
N ASP A 116 6.26 -8.49 -9.41
CA ASP A 116 5.60 -8.86 -8.13
C ASP A 116 4.19 -8.32 -7.96
N GLU A 117 3.67 -7.56 -8.90
CA GLU A 117 2.35 -6.93 -8.84
C GLU A 117 2.12 -5.97 -7.70
N LEU A 118 3.18 -5.53 -7.03
CA LEU A 118 2.99 -4.56 -5.89
C LEU A 118 2.34 -3.26 -6.31
N HIS A 119 2.59 -2.84 -7.53
CA HIS A 119 1.92 -1.60 -8.03
C HIS A 119 0.44 -1.88 -8.11
N HIS A 120 0.05 -3.07 -8.56
CA HIS A 120 -1.38 -3.34 -8.68
CA HIS A 120 -1.41 -3.38 -8.68
C HIS A 120 -2.01 -3.47 -7.27
N ARG A 121 -1.31 -4.08 -6.33
CA ARG A 121 -1.82 -4.20 -4.97
C ARG A 121 -1.93 -2.83 -4.32
N ALA A 122 -1.09 -1.87 -4.74
CA ALA A 122 -1.19 -0.50 -4.22
C ALA A 122 -2.38 0.27 -4.78
N GLY A 123 -2.98 -0.20 -5.89
CA GLY A 123 -4.10 0.50 -6.56
C GLY A 123 -3.85 1.12 -7.92
N SER A 124 -2.66 0.93 -8.48
CA SER A 124 -2.37 1.49 -9.77
C SER A 124 -3.14 0.69 -10.82
N LYS A 125 -3.63 1.43 -11.80
CA LYS A 125 -4.37 0.82 -12.92
C LYS A 125 -3.56 0.73 -14.21
N HIS A 126 -3.00 1.85 -14.64
N HIS A 126 -3.01 1.86 -14.65
CA HIS A 126 -2.36 1.94 -15.96
CA HIS A 126 -2.41 1.93 -15.97
C HIS A 126 -0.91 1.53 -15.79
C HIS A 126 -0.93 1.53 -15.80
N VAL A 127 -0.67 0.22 -15.88
CA VAL A 127 0.65 -0.36 -15.57
C VAL A 127 1.09 -1.31 -16.65
N TYR A 128 2.29 -1.12 -17.18
CA TYR A 128 2.92 -1.98 -18.18
C TYR A 128 4.01 -2.78 -17.50
N GLU A 129 3.80 -4.09 -17.44
CA GLU A 129 4.74 -5.01 -16.86
C GLU A 129 5.63 -5.57 -17.96
N ILE A 130 6.78 -4.93 -18.14
CA ILE A 130 7.65 -5.32 -19.25
C ILE A 130 8.32 -6.70 -19.09
N HIS A 131 8.34 -7.21 -17.88
CA HIS A 131 8.95 -8.53 -17.60
C HIS A 131 7.94 -9.55 -17.20
N GLY A 132 6.65 -9.22 -17.31
CA GLY A 132 5.62 -10.18 -16.94
C GLY A 132 5.21 -10.13 -15.49
N SER A 133 4.67 -11.22 -14.99
CA SER A 133 4.14 -11.26 -13.65
C SER A 133 4.27 -12.64 -13.03
N LEU A 134 4.62 -12.71 -11.74
CA LEU A 134 4.59 -13.97 -10.97
C LEU A 134 3.18 -14.56 -10.92
N PHE A 135 2.18 -13.71 -11.16
CA PHE A 135 0.78 -14.10 -11.08
C PHE A 135 0.07 -14.16 -12.40
N LYS A 136 0.88 -14.48 -13.43
CA LYS A 136 0.37 -14.94 -14.69
C LYS A 136 1.07 -16.19 -15.11
N THR A 137 0.33 -17.02 -15.82
CA THR A 137 0.86 -18.21 -16.43
C THR A 137 0.82 -18.09 -17.95
N ARG A 138 1.72 -18.81 -18.64
CA ARG A 138 1.62 -18.94 -20.06
C ARG A 138 1.65 -20.44 -20.40
N CYS A 139 0.71 -20.86 -21.26
CA CYS A 139 0.68 -22.27 -21.65
C CYS A 139 1.73 -22.56 -22.70
N MET A 140 2.54 -23.57 -22.44
CA MET A 140 3.61 -23.99 -23.35
C MET A 140 3.12 -24.59 -24.66
N SER A 141 1.88 -25.03 -24.63
CA SER A 141 1.19 -25.65 -25.77
C SER A 141 0.35 -24.72 -26.61
N CYS A 142 -0.65 -24.01 -26.05
CA CYS A 142 -1.53 -23.15 -26.83
C CYS A 142 -1.17 -21.68 -26.68
N GLY A 143 -0.24 -21.32 -25.78
CA GLY A 143 0.22 -19.91 -25.66
C GLY A 143 -0.67 -18.96 -24.85
N GLU A 144 -1.76 -19.47 -24.28
CA GLU A 144 -2.68 -18.64 -23.53
C GLU A 144 -2.03 -18.07 -22.26
N VAL A 145 -2.25 -16.79 -22.01
CA VAL A 145 -1.73 -16.10 -20.85
C VAL A 145 -2.92 -15.82 -19.94
N LYS A 146 -2.82 -16.19 -18.67
CA LYS A 146 -3.92 -16.05 -17.73
C LYS A 146 -3.44 -15.60 -16.41
N ALA A 147 -4.29 -14.85 -15.75
CA ALA A 147 -4.05 -14.44 -14.37
C ALA A 147 -4.18 -15.65 -13.47
N ASN A 148 -3.28 -15.76 -12.50
CA ASN A 148 -3.39 -16.83 -11.52
C ASN A 148 -2.81 -16.45 -10.18
N HIS A 149 -3.68 -16.29 -9.20
CA HIS A 149 -3.31 -15.93 -7.84
C HIS A 149 -3.60 -17.03 -6.87
N LYS A 150 -3.89 -18.20 -7.37
CA LYS A 150 -4.31 -19.32 -6.54
C LYS A 150 -3.18 -19.77 -5.60
N SER A 151 -3.49 -20.02 -4.32
CA SER A 151 -2.52 -20.45 -3.34
C SER A 151 -2.90 -21.81 -2.77
N PRO A 152 -2.16 -22.91 -3.07
CA PRO A 152 -1.04 -23.01 -4.00
C PRO A 152 -1.52 -23.16 -5.44
N ILE A 153 -0.66 -22.79 -6.38
CA ILE A 153 -1.05 -22.87 -7.79
C ILE A 153 -1.55 -24.24 -8.27
N CYS A 154 -1.00 -25.32 -7.73
CA CYS A 154 -1.52 -26.66 -7.97
C CYS A 154 -1.28 -27.47 -6.69
N PRO A 155 -2.13 -28.47 -6.44
CA PRO A 155 -2.05 -29.20 -5.20
C PRO A 155 -0.72 -29.85 -4.93
N ALA A 156 0.00 -30.34 -5.96
CA ALA A 156 1.27 -30.97 -5.76
C ALA A 156 2.34 -30.04 -5.16
N LEU A 157 2.17 -28.74 -5.38
CA LEU A 157 3.10 -27.74 -4.86
C LEU A 157 2.75 -27.25 -3.45
N ASP A 158 1.67 -27.75 -2.88
CA ASP A 158 1.26 -27.34 -1.54
C ASP A 158 2.36 -27.63 -0.50
N GLY A 159 2.80 -26.60 0.20
CA GLY A 159 3.88 -26.77 1.16
C GLY A 159 5.29 -26.95 0.62
N LYS A 160 5.45 -26.82 -0.70
CA LYS A 160 6.78 -26.92 -1.35
C LYS A 160 7.41 -25.55 -1.58
N GLY A 161 8.59 -25.56 -2.14
CA GLY A 161 9.36 -24.37 -2.39
C GLY A 161 10.20 -23.77 -1.28
N ALA A 162 10.37 -24.48 -0.18
CA ALA A 162 11.13 -23.94 0.92
C ALA A 162 12.55 -23.64 0.46
N PRO A 163 13.08 -22.52 0.91
CA PRO A 163 14.40 -22.03 0.47
C PRO A 163 15.60 -22.58 1.20
N ASP A 164 15.40 -23.27 2.29
CA ASP A 164 16.47 -23.85 3.09
C ASP A 164 17.32 -24.86 2.30
N PRO A 165 18.65 -24.70 2.37
CA PRO A 165 19.51 -25.55 1.58
C PRO A 165 19.35 -27.00 1.84
N ASN A 166 18.76 -27.41 2.98
CA ASN A 166 18.57 -28.82 3.33
C ASN A 166 17.31 -29.47 2.76
N THR A 167 16.46 -28.66 2.15
CA THR A 167 15.21 -29.10 1.67
C THR A 167 15.40 -30.03 0.51
N LYS A 168 14.67 -31.14 0.55
CA LYS A 168 14.65 -32.07 -0.59
C LYS A 168 13.82 -31.53 -1.74
N GLU A 169 14.21 -31.91 -2.94
CA GLU A 169 13.42 -31.58 -4.10
C GLU A 169 12.08 -32.33 -4.07
N ALA A 170 11.01 -31.67 -4.49
CA ALA A 170 9.68 -32.28 -4.53
C ALA A 170 9.62 -33.32 -5.64
N ARG A 171 10.37 -33.12 -6.72
CA ARG A 171 10.43 -34.04 -7.86
C ARG A 171 9.01 -34.40 -8.35
N ILE A 172 8.23 -33.33 -8.60
CA ILE A 172 6.83 -33.48 -9.00
C ILE A 172 6.75 -33.91 -10.44
N PRO A 173 5.97 -34.94 -10.73
CA PRO A 173 5.90 -35.40 -12.14
C PRO A 173 5.35 -34.24 -12.98
N VAL A 174 5.87 -34.06 -14.18
CA VAL A 174 5.48 -32.93 -14.99
C VAL A 174 3.94 -32.84 -15.20
N GLU A 175 3.28 -34.00 -15.25
CA GLU A 175 1.86 -33.97 -15.51
C GLU A 175 1.11 -33.38 -14.31
N LEU A 176 1.74 -33.32 -13.14
CA LEU A 176 1.10 -32.79 -11.91
C LEU A 176 1.50 -31.36 -11.57
N LEU A 177 2.36 -30.77 -12.36
CA LEU A 177 2.64 -29.33 -12.26
C LEU A 177 1.45 -28.56 -12.82
N PRO A 178 1.47 -27.23 -12.74
CA PRO A 178 0.33 -26.46 -13.20
C PRO A 178 0.06 -26.74 -14.67
N ARG A 179 -1.21 -27.12 -14.95
CA ARG A 179 -1.63 -27.40 -16.30
C ARG A 179 -2.66 -26.39 -16.79
N CYS A 180 -2.68 -26.26 -18.12
CA CYS A 180 -3.69 -25.44 -18.82
C CYS A 180 -5.09 -26.01 -18.66
N GLU A 181 -6.03 -25.11 -18.37
CA GLU A 181 -7.33 -25.50 -17.90
C GLU A 181 -8.34 -25.66 -18.99
N ARG A 182 -7.98 -25.37 -20.24
CA ARG A 182 -8.79 -25.69 -21.42
C ARG A 182 -8.73 -27.22 -21.66
N LYS A 183 -9.86 -27.95 -21.56
CA LYS A 183 -9.83 -29.43 -21.39
C LYS A 183 -9.04 -30.06 -22.53
N SER A 184 -9.25 -29.51 -23.72
CA SER A 184 -8.59 -30.02 -24.91
C SER A 184 -7.06 -29.89 -24.88
N CYS A 185 -6.55 -28.93 -24.14
CA CYS A 185 -5.16 -28.56 -24.22
C CYS A 185 -4.40 -29.28 -23.16
N ASN A 186 -4.63 -28.90 -21.90
CA ASN A 186 -3.85 -29.43 -20.74
C ASN A 186 -2.31 -29.28 -20.80
N GLY A 187 -1.81 -28.28 -21.55
CA GLY A 187 -0.38 -28.02 -21.67
C GLY A 187 0.25 -27.67 -20.31
N LEU A 188 1.56 -27.89 -20.21
CA LEU A 188 2.29 -27.43 -19.06
C LEU A 188 2.34 -25.91 -19.03
N LEU A 189 1.99 -25.32 -17.89
CA LEU A 189 2.09 -23.89 -17.73
C LEU A 189 3.48 -23.53 -17.29
N ARG A 190 3.95 -22.37 -17.75
CA ARG A 190 5.15 -21.75 -17.20
C ARG A 190 4.79 -20.41 -16.61
N PRO A 191 5.64 -19.89 -15.72
CA PRO A 191 5.44 -18.51 -15.29
C PRO A 191 5.51 -17.55 -16.46
N HIS A 192 4.58 -16.58 -16.54
CA HIS A 192 4.58 -15.61 -17.60
C HIS A 192 5.50 -14.49 -17.23
N VAL A 193 6.80 -14.81 -17.17
CA VAL A 193 7.84 -13.90 -16.78
C VAL A 193 8.95 -13.94 -17.81
N VAL A 194 9.61 -12.82 -18.05
CA VAL A 194 10.74 -12.81 -19.01
C VAL A 194 11.96 -13.35 -18.30
N TRP A 195 12.50 -14.46 -18.83
CA TRP A 195 13.68 -15.06 -18.30
C TRP A 195 14.94 -14.57 -19.01
N PHE A 196 16.07 -14.90 -18.35
CA PHE A 196 17.38 -14.53 -18.91
C PHE A 196 17.52 -15.21 -20.25
N GLY A 197 17.92 -14.43 -21.24
CA GLY A 197 18.01 -14.89 -22.62
C GLY A 197 16.75 -14.77 -23.46
N GLU A 198 15.66 -14.21 -22.91
CA GLU A 198 14.39 -14.14 -23.64
C GLU A 198 14.09 -12.67 -24.05
N THR A 199 13.21 -12.50 -25.00
CA THR A 199 12.88 -11.17 -25.47
C THR A 199 11.66 -10.59 -24.82
N LEU A 200 11.67 -9.28 -24.67
CA LEU A 200 10.49 -8.56 -24.20
C LEU A 200 9.39 -8.66 -25.25
N ASP A 201 8.14 -8.49 -24.85
CA ASP A 201 7.01 -8.53 -25.75
C ASP A 201 7.01 -7.24 -26.62
N SER A 202 7.05 -7.41 -27.94
CA SER A 202 7.01 -6.25 -28.81
C SER A 202 5.79 -5.36 -28.74
N ASP A 203 4.60 -5.92 -28.51
CA ASP A 203 3.37 -5.17 -28.41
C ASP A 203 3.46 -4.24 -27.18
N ILE A 204 4.04 -4.77 -26.10
CA ILE A 204 4.15 -3.94 -24.90
C ILE A 204 5.12 -2.79 -25.15
N LEU A 205 6.24 -3.10 -25.79
CA LEU A 205 7.20 -2.06 -26.12
C LEU A 205 6.62 -1.00 -27.04
N THR A 206 5.79 -1.41 -27.99
CA THR A 206 5.11 -0.39 -28.82
C THR A 206 4.24 0.55 -28.00
N ALA A 207 3.49 -0.03 -27.07
CA ALA A 207 2.60 0.78 -26.22
C ALA A 207 3.39 1.67 -25.30
N VAL A 208 4.49 1.16 -24.77
CA VAL A 208 5.40 1.96 -23.96
C VAL A 208 5.92 3.08 -24.77
N GLU A 209 6.32 2.86 -26.01
CA GLU A 209 6.87 3.97 -26.82
C GLU A 209 5.84 5.05 -27.02
N ARG A 210 4.60 4.66 -27.28
CA ARG A 210 3.54 5.66 -27.44
C ARG A 210 3.36 6.51 -26.16
N GLU A 211 3.33 5.86 -25.00
CA GLU A 211 3.21 6.60 -23.76
C GLU A 211 4.39 7.55 -23.54
N LEU A 212 5.59 7.04 -23.77
CA LEU A 212 6.78 7.84 -23.53
C LEU A 212 6.84 8.98 -24.49
N GLU A 213 6.33 8.84 -25.70
CA GLU A 213 6.33 9.94 -26.69
C GLU A 213 5.38 11.05 -26.28
N LYS A 214 4.30 10.66 -25.63
CA LYS A 214 3.25 11.60 -25.21
C LYS A 214 3.58 12.34 -23.92
N CYS A 215 4.36 11.70 -23.08
CA CYS A 215 4.60 12.25 -21.80
C CYS A 215 5.31 13.59 -21.76
N ASP A 216 5.06 14.41 -20.74
CA ASP A 216 5.71 15.71 -20.58
C ASP A 216 6.48 15.80 -19.28
N LEU A 217 6.56 14.69 -18.55
CA LEU A 217 7.46 14.57 -17.42
C LEU A 217 7.65 13.07 -17.20
N CYS A 218 8.85 12.70 -16.83
CA CYS A 218 9.19 11.29 -16.69
C CYS A 218 9.98 11.10 -15.40
N LEU A 219 9.61 10.06 -14.63
CA LEU A 219 10.26 9.76 -13.35
C LEU A 219 10.84 8.40 -13.49
N VAL A 220 12.03 8.21 -12.93
CA VAL A 220 12.68 6.94 -12.97
C VAL A 220 12.98 6.57 -11.51
N VAL A 221 12.32 5.52 -11.02
CA VAL A 221 12.32 5.20 -9.61
C VAL A 221 12.98 3.82 -9.32
N GLY A 222 13.92 3.79 -8.40
CA GLY A 222 14.52 2.46 -8.00
C GLY A 222 15.27 1.77 -9.17
N THR A 223 15.86 2.61 -10.04
CA THR A 223 16.84 2.25 -11.05
C THR A 223 17.30 3.58 -11.69
N SER A 224 18.09 3.52 -12.76
CA SER A 224 18.55 4.77 -13.46
C SER A 224 18.35 4.87 -14.98
N SER A 225 18.35 6.12 -15.43
CA SER A 225 18.14 6.43 -16.85
C SER A 225 19.17 5.76 -17.73
N ILE A 226 20.36 5.46 -17.23
CA ILE A 226 21.51 4.97 -18.01
C ILE A 226 21.62 3.45 -18.16
N VAL A 227 20.85 2.76 -17.36
CA VAL A 227 20.79 1.33 -17.35
C VAL A 227 19.53 0.87 -18.07
N TYR A 228 19.53 -0.41 -18.42
CA TYR A 228 18.33 -1.11 -18.91
C TYR A 228 17.31 -1.23 -17.73
N PRO A 229 16.03 -1.00 -17.92
CA PRO A 229 15.41 -0.78 -19.24
C PRO A 229 15.20 0.64 -19.59
N ALA A 230 15.34 1.53 -18.61
CA ALA A 230 15.13 2.96 -18.90
C ALA A 230 15.95 3.46 -20.10
N ALA A 231 17.18 2.92 -20.22
CA ALA A 231 18.09 3.35 -21.28
C ALA A 231 17.54 3.13 -22.65
N MET A 232 16.51 2.28 -22.80
CA MET A 232 15.88 2.03 -24.12
C MET A 232 15.07 3.19 -24.68
N PHE A 233 14.52 3.92 -23.74
CA PHE A 233 13.67 4.99 -24.09
C PHE A 233 14.07 6.33 -23.55
N ALA A 234 14.92 6.42 -22.52
CA ALA A 234 15.08 7.70 -21.85
C ALA A 234 15.73 8.74 -22.78
N PRO A 235 16.70 8.36 -23.62
CA PRO A 235 17.18 9.29 -24.64
C PRO A 235 16.11 9.88 -25.55
N GLN A 236 15.15 9.06 -25.95
CA GLN A 236 14.01 9.51 -26.81
C GLN A 236 13.27 10.64 -26.05
N VAL A 237 13.03 10.41 -24.76
CA VAL A 237 12.29 11.43 -24.01
C VAL A 237 13.14 12.70 -23.81
N ALA A 238 14.41 12.54 -23.44
CA ALA A 238 15.30 13.68 -23.23
C ALA A 238 15.42 14.52 -24.46
N SER A 239 15.47 13.88 -25.65
CA SER A 239 15.62 14.65 -26.88
C SER A 239 14.36 15.42 -27.29
N ARG A 240 13.23 15.13 -26.64
CA ARG A 240 12.01 15.98 -26.82
C ARG A 240 12.06 17.17 -25.88
N GLY A 241 13.12 17.27 -25.07
CA GLY A 241 13.31 18.33 -24.08
C GLY A 241 12.57 18.09 -22.78
N VAL A 242 12.23 16.84 -22.49
CA VAL A 242 11.30 16.57 -21.40
C VAL A 242 12.08 16.29 -20.11
N PRO A 243 11.65 16.90 -18.99
CA PRO A 243 12.41 16.64 -17.79
C PRO A 243 12.27 15.21 -17.31
N VAL A 244 13.38 14.69 -16.80
CA VAL A 244 13.49 13.38 -16.20
C VAL A 244 13.98 13.53 -14.77
N ALA A 245 13.30 12.87 -13.83
CA ALA A 245 13.67 12.95 -12.44
C ALA A 245 13.92 11.56 -11.89
N GLU A 246 15.10 11.33 -11.34
CA GLU A 246 15.46 10.05 -10.76
C GLU A 246 15.25 10.03 -9.28
N PHE A 247 14.66 8.95 -8.78
CA PHE A 247 14.62 8.65 -7.34
C PHE A 247 15.33 7.35 -7.14
N ASN A 248 16.54 7.35 -6.56
CA ASN A 248 17.21 6.09 -6.27
C ASN A 248 18.29 6.33 -5.23
N MET A 249 18.99 5.27 -4.91
CA MET A 249 20.16 5.37 -4.05
C MET A 249 21.48 5.34 -4.85
N GLU A 250 21.71 6.21 -5.84
CA GLU A 250 22.95 6.09 -6.68
C GLU A 250 23.68 7.41 -6.89
N CYS A 251 24.95 7.34 -7.29
CA CYS A 251 25.70 8.58 -7.50
C CYS A 251 25.43 9.08 -8.91
N LYS A 259 17.97 14.67 -15.36
CA LYS A 259 17.98 16.11 -15.02
C LYS A 259 17.80 16.46 -13.52
N TYR A 260 16.80 15.91 -12.82
CA TYR A 260 16.75 15.93 -11.32
C TYR A 260 17.13 14.57 -10.74
N HIS A 261 17.72 14.56 -9.57
CA HIS A 261 18.09 13.34 -8.87
C HIS A 261 17.87 13.54 -7.40
N PHE A 262 17.02 12.68 -6.81
CA PHE A 262 16.72 12.68 -5.39
C PHE A 262 17.25 11.39 -4.79
N GLU A 263 18.30 11.55 -4.01
CA GLU A 263 19.01 10.43 -3.39
C GLU A 263 18.28 9.93 -2.15
N GLY A 264 18.03 8.62 -2.11
CA GLY A 264 17.52 7.98 -0.91
C GLY A 264 16.53 6.89 -1.20
N PRO A 265 15.98 6.27 -0.14
CA PRO A 265 14.94 5.29 -0.37
C PRO A 265 13.71 5.94 -0.97
N CYS A 266 13.17 5.34 -2.01
CA CYS A 266 12.02 5.89 -2.72
C CYS A 266 10.78 6.05 -1.87
N GLY A 267 10.65 5.16 -0.88
CA GLY A 267 9.51 5.25 0.02
C GLY A 267 9.57 6.49 0.91
N SER A 268 10.76 7.09 1.06
CA SER A 268 10.86 8.40 1.75
C SER A 268 10.77 9.55 0.79
N THR A 269 11.47 9.49 -0.34
CA THR A 269 11.59 10.67 -1.20
C THR A 269 10.33 10.89 -2.07
N LEU A 270 9.71 9.80 -2.49
CA LEU A 270 8.72 9.94 -3.53
C LEU A 270 7.41 10.57 -3.00
N PRO A 271 6.93 10.14 -1.84
CA PRO A 271 5.60 10.60 -1.47
C PRO A 271 5.57 12.14 -1.32
N PRO A 272 6.68 12.73 -0.79
CA PRO A 272 6.65 14.21 -0.65
C PRO A 272 6.70 14.88 -2.04
N ALA A 273 7.49 14.37 -2.97
CA ALA A 273 7.51 14.89 -4.31
C ALA A 273 6.15 14.79 -5.05
N LEU A 274 5.36 13.73 -4.79
CA LEU A 274 4.11 13.53 -5.54
C LEU A 274 2.83 14.08 -4.91
N GLU A 275 2.95 14.63 -3.71
CA GLU A 275 1.68 15.04 -2.96
C GLU A 275 0.90 16.21 -3.63
N SER B 10 2.11 -15.41 25.05
CA SER B 10 3.10 -16.17 24.24
C SER B 10 3.58 -15.30 23.09
N SER B 11 4.77 -15.59 22.60
CA SER B 11 5.21 -15.02 21.33
C SER B 11 5.29 -16.11 20.26
N ASP B 12 4.54 -17.21 20.47
CA ASP B 12 4.52 -18.29 19.52
C ASP B 12 3.60 -17.99 18.33
N LEU B 13 4.25 -17.65 17.23
CA LEU B 13 3.57 -17.34 16.00
C LEU B 13 2.74 -18.53 15.50
N THR B 14 3.30 -19.73 15.61
CA THR B 14 2.57 -20.92 15.11
C THR B 14 1.31 -21.16 15.94
N ALA B 15 1.34 -20.94 17.25
CA ALA B 15 0.13 -21.13 18.05
C ALA B 15 -0.91 -20.05 17.65
N PHE B 16 -0.45 -18.84 17.43
CA PHE B 16 -1.38 -17.80 16.99
C PHE B 16 -2.00 -18.20 15.64
N ARG B 17 -1.16 -18.67 14.73
CA ARG B 17 -1.66 -18.98 13.40
C ARG B 17 -2.62 -20.16 13.37
N GLU B 18 -2.49 -21.07 14.33
CA GLU B 18 -3.51 -22.13 14.48
C GLU B 18 -4.89 -21.54 14.78
N HIS B 19 -4.95 -20.53 15.66
CA HIS B 19 -6.22 -19.86 15.90
C HIS B 19 -6.66 -19.06 14.72
N PHE B 20 -5.73 -18.36 14.08
CA PHE B 20 -6.06 -17.59 12.89
C PHE B 20 -6.70 -18.42 11.77
N ALA B 21 -6.14 -19.61 11.53
CA ALA B 21 -6.64 -20.48 10.46
C ALA B 21 -8.10 -20.90 10.70
N LYS B 22 -8.54 -20.94 11.96
CA LYS B 22 -9.87 -21.46 12.35
C LYS B 22 -10.89 -20.36 12.58
N ALA B 23 -10.40 -19.15 12.81
CA ALA B 23 -11.31 -18.07 13.20
C ALA B 23 -12.22 -17.67 12.05
N LYS B 24 -13.52 -17.60 12.31
CA LYS B 24 -14.53 -17.16 11.32
C LYS B 24 -14.86 -15.68 11.42
N HIS B 25 -14.53 -15.03 12.55
CA HIS B 25 -14.89 -13.62 12.75
C HIS B 25 -13.81 -12.94 13.57
N ILE B 26 -12.95 -12.19 12.90
CA ILE B 26 -11.78 -11.60 13.53
C ILE B 26 -12.04 -10.12 13.72
N ALA B 27 -11.82 -9.62 14.92
CA ALA B 27 -11.98 -8.22 15.20
C ALA B 27 -10.58 -7.68 15.44
N ILE B 28 -10.24 -6.63 14.70
CA ILE B 28 -8.94 -6.02 14.86
C ILE B 28 -9.16 -4.60 15.37
N ILE B 29 -8.63 -4.33 16.55
CA ILE B 29 -8.69 -3.01 17.18
C ILE B 29 -7.34 -2.33 16.88
N THR B 30 -7.39 -1.12 16.30
CA THR B 30 -6.14 -0.43 16.03
C THR B 30 -6.10 0.92 16.76
N GLY B 31 -4.91 1.18 17.32
CA GLY B 31 -4.59 2.35 18.07
C GLY B 31 -3.53 3.18 17.37
N ALA B 32 -3.05 4.18 18.10
CA ALA B 32 -2.26 5.22 17.50
C ALA B 32 -0.97 4.73 16.91
N GLY B 33 -0.44 3.61 17.39
CA GLY B 33 0.78 3.09 16.83
C GLY B 33 0.75 2.79 15.36
N VAL B 34 -0.42 2.43 14.84
CA VAL B 34 -0.46 2.09 13.42
C VAL B 34 -0.42 3.34 12.55
N SER B 35 -0.87 4.45 13.13
CA SER B 35 -0.87 5.74 12.40
C SER B 35 0.49 6.41 12.57
N ALA B 36 1.09 6.23 13.73
CA ALA B 36 2.46 6.78 13.94
C ALA B 36 3.45 6.20 12.95
N GLU B 37 3.30 4.94 12.56
CA GLU B 37 4.24 4.32 11.58
C GLU B 37 4.04 4.80 10.14
N SER B 38 2.96 5.53 9.91
CA SER B 38 2.77 6.17 8.61
C SER B 38 3.27 7.61 8.68
N GLY B 39 3.77 8.05 9.84
CA GLY B 39 4.26 9.42 9.98
C GLY B 39 3.20 10.48 10.25
N VAL B 40 2.06 10.09 10.82
CA VAL B 40 0.89 10.97 11.02
C VAL B 40 1.05 11.76 12.31
N PRO B 41 1.26 13.08 12.22
CA PRO B 41 1.54 13.82 13.46
C PRO B 41 0.36 13.80 14.42
N THR B 42 0.62 13.71 15.72
CA THR B 42 -0.47 13.62 16.71
C THR B 42 -0.69 14.91 17.45
N PHE B 43 0.37 15.70 17.54
CA PHE B 43 0.33 16.97 18.26
C PHE B 43 0.24 16.87 19.82
N ARG B 44 0.77 15.77 20.32
CA ARG B 44 0.56 15.44 21.70
C ARG B 44 1.87 15.26 22.41
N GLY B 45 2.88 14.67 21.76
CA GLY B 45 4.17 14.46 22.44
C GLY B 45 4.92 15.77 22.60
N PRO B 46 6.04 15.76 23.33
CA PRO B 46 6.77 17.00 23.66
C PRO B 46 7.19 17.83 22.43
N GLY B 47 7.55 17.14 21.36
CA GLY B 47 8.01 17.86 20.14
C GLY B 47 6.83 18.43 19.32
N GLY B 48 5.63 18.01 19.64
CA GLY B 48 4.55 18.01 18.68
C GLY B 48 3.63 19.19 18.86
N PHE B 49 4.03 20.32 18.32
CA PHE B 49 3.21 21.52 18.33
C PHE B 49 2.62 21.84 16.99
N TRP B 50 1.49 22.53 17.04
CA TRP B 50 0.98 23.23 15.86
C TRP B 50 0.87 24.71 16.22
N ARG B 51 1.68 25.58 15.60
CA ARG B 51 1.88 26.93 16.10
C ARG B 51 2.17 26.80 17.61
N LYS B 52 1.52 27.58 18.47
CA LYS B 52 1.90 27.48 19.89
C LYS B 52 1.19 26.36 20.64
N TRP B 53 0.29 25.65 19.97
CA TRP B 53 -0.68 24.83 20.69
C TRP B 53 -0.45 23.36 20.56
N GLN B 54 -0.98 22.62 21.52
CA GLN B 54 -1.13 21.19 21.33
C GLN B 54 -2.60 20.74 21.13
N ALA B 55 -2.76 19.47 20.79
CA ALA B 55 -4.09 18.93 20.52
C ALA B 55 -5.08 19.13 21.68
N GLN B 56 -4.63 18.95 22.89
CA GLN B 56 -5.44 19.24 24.09
C GLN B 56 -6.07 20.66 24.05
N ASP B 57 -5.42 21.67 23.46
CA ASP B 57 -5.95 23.04 23.47
C ASP B 57 -7.00 23.22 22.37
N LEU B 58 -6.87 22.42 21.31
CA LEU B 58 -7.70 22.70 20.13
C LEU B 58 -8.79 21.70 19.91
N ALA B 59 -8.57 20.46 20.33
CA ALA B 59 -9.51 19.38 20.04
C ALA B 59 -10.53 19.28 21.17
N THR B 60 -11.28 20.38 21.31
CA THR B 60 -12.33 20.53 22.33
C THR B 60 -13.44 21.37 21.78
N PRO B 61 -14.67 21.09 22.23
CA PRO B 61 -15.81 21.92 21.81
C PRO B 61 -15.70 23.40 22.28
N GLU B 62 -14.99 23.62 23.38
CA GLU B 62 -14.77 24.95 23.92
C GLU B 62 -13.83 25.74 23.01
N ALA B 63 -12.80 25.11 22.50
CA ALA B 63 -11.91 25.81 21.57
C ALA B 63 -12.72 26.17 20.29
N PHE B 64 -13.53 25.23 19.80
CA PHE B 64 -14.31 25.48 18.60
C PHE B 64 -15.37 26.59 18.81
N SER B 65 -15.97 26.62 19.98
CA SER B 65 -16.97 27.61 20.29
C SER B 65 -16.33 29.00 20.33
N ARG B 66 -15.10 29.08 20.88
CA ARG B 66 -14.41 30.37 21.13
C ARG B 66 -13.66 30.90 19.91
N ASP B 67 -13.10 29.96 19.14
CA ASP B 67 -12.32 30.36 17.98
C ASP B 67 -12.45 29.33 16.85
N PRO B 68 -13.61 29.29 16.23
CA PRO B 68 -13.85 28.32 15.17
C PRO B 68 -12.89 28.44 13.99
N SER B 69 -12.48 29.65 13.66
CA SER B 69 -11.54 29.79 12.54
C SER B 69 -10.19 29.11 12.87
N LEU B 70 -9.72 29.31 14.11
CA LEU B 70 -8.44 28.71 14.50
C LEU B 70 -8.53 27.16 14.49
N VAL B 71 -9.65 26.63 14.98
CA VAL B 71 -9.82 25.18 15.07
C VAL B 71 -9.95 24.61 13.66
N TRP B 72 -10.65 25.33 12.76
CA TRP B 72 -10.72 24.86 11.39
C TRP B 72 -9.37 24.93 10.68
N GLU B 73 -8.54 25.94 10.99
CA GLU B 73 -7.18 25.97 10.42
C GLU B 73 -6.40 24.72 10.78
N PHE B 74 -6.52 24.33 12.05
CA PHE B 74 -5.82 23.15 12.58
C PHE B 74 -6.33 21.86 11.89
N TYR B 75 -7.64 21.71 11.79
CA TYR B 75 -8.16 20.52 11.11
C TYR B 75 -7.87 20.52 9.62
N HIS B 76 -7.85 21.71 9.01
CA HIS B 76 -7.51 21.81 7.60
C HIS B 76 -6.06 21.35 7.36
N TYR B 77 -5.15 21.85 8.21
CA TYR B 77 -3.77 21.42 8.15
C TYR B 77 -3.70 19.88 8.22
N ARG B 78 -4.35 19.29 9.19
CA ARG B 78 -4.32 17.85 9.36
C ARG B 78 -4.88 17.09 8.17
N ARG B 79 -6.01 17.53 7.63
CA ARG B 79 -6.56 16.95 6.41
C ARG B 79 -5.50 16.96 5.29
N GLU B 80 -4.89 18.13 5.10
CA GLU B 80 -4.02 18.34 3.96
C GLU B 80 -2.72 17.53 4.11
N VAL B 81 -2.19 17.35 5.33
CA VAL B 81 -0.96 16.55 5.49
C VAL B 81 -1.16 15.11 5.13
N MET B 82 -2.37 14.56 5.21
CA MET B 82 -2.63 13.18 4.81
C MET B 82 -2.34 12.83 3.36
N ARG B 83 -2.35 13.82 2.47
CA ARG B 83 -1.83 13.61 1.10
C ARG B 83 -0.49 12.94 1.07
N SER B 84 0.41 13.33 1.96
CA SER B 84 1.80 12.80 1.93
C SER B 84 2.03 11.70 2.94
N LYS B 85 1.00 11.30 3.64
CA LYS B 85 1.18 10.18 4.55
C LYS B 85 0.44 9.02 3.99
N MET B 86 1.12 7.87 3.89
CA MET B 86 0.59 6.72 3.20
C MET B 86 0.32 5.54 4.13
N PRO B 87 -0.68 4.70 3.78
CA PRO B 87 -0.84 3.45 4.47
C PRO B 87 0.45 2.63 4.48
N ASN B 88 0.69 1.97 5.60
CA ASN B 88 1.84 1.18 5.83
C ASN B 88 1.44 -0.31 5.73
N PRO B 89 2.46 -1.18 5.85
CA PRO B 89 2.22 -2.58 5.62
C PRO B 89 1.21 -3.20 6.52
N ALA B 90 1.07 -2.71 7.76
CA ALA B 90 0.03 -3.20 8.62
C ALA B 90 -1.38 -2.88 8.08
N HIS B 91 -1.60 -1.64 7.68
CA HIS B 91 -2.89 -1.28 7.07
C HIS B 91 -3.17 -2.18 5.83
N LEU B 92 -2.14 -2.33 5.00
CA LEU B 92 -2.33 -3.12 3.80
C LEU B 92 -2.63 -4.60 4.07
N ALA B 93 -1.89 -5.18 4.99
CA ALA B 93 -2.08 -6.59 5.33
C ALA B 93 -3.49 -6.81 5.84
N ILE B 94 -3.97 -5.89 6.66
CA ILE B 94 -5.30 -5.99 7.22
C ILE B 94 -6.35 -5.88 6.15
N ALA B 95 -6.21 -4.96 5.19
CA ALA B 95 -7.15 -4.89 4.08
C ALA B 95 -7.13 -6.14 3.19
N GLU B 96 -5.94 -6.65 2.88
CA GLU B 96 -5.86 -7.81 2.02
C GLU B 96 -6.43 -9.07 2.70
N CYS B 97 -6.14 -9.17 3.97
CA CYS B 97 -6.68 -10.27 4.81
C CYS B 97 -8.22 -10.23 4.78
N GLU B 98 -8.82 -9.07 5.01
CA GLU B 98 -10.27 -8.91 4.96
C GLU B 98 -10.79 -9.42 3.60
N ALA B 99 -10.15 -8.99 2.52
CA ALA B 99 -10.70 -9.37 1.18
C ALA B 99 -10.58 -10.88 0.97
N ARG B 100 -9.43 -11.44 1.33
CA ARG B 100 -9.19 -12.87 1.11
C ARG B 100 -10.12 -13.71 1.98
N LEU B 101 -10.27 -13.36 3.27
CA LEU B 101 -11.16 -14.12 4.15
C LEU B 101 -12.60 -13.95 3.72
N GLY B 102 -12.98 -12.77 3.23
CA GLY B 102 -14.37 -12.54 2.78
C GLY B 102 -14.81 -13.51 1.67
N GLN B 103 -13.88 -13.82 0.78
CA GLN B 103 -14.10 -14.82 -0.27
C GLN B 103 -14.35 -16.22 0.27
N GLN B 104 -13.86 -16.50 1.48
CA GLN B 104 -14.07 -17.78 2.17
C GLN B 104 -15.25 -17.73 3.10
N GLY B 105 -16.04 -16.65 3.08
CA GLY B 105 -17.15 -16.51 4.02
C GLY B 105 -16.73 -16.17 5.45
N ARG B 106 -15.50 -15.68 5.65
CA ARG B 106 -15.01 -15.34 7.00
C ARG B 106 -14.92 -13.84 7.14
N SER B 107 -15.22 -13.34 8.32
CA SER B 107 -15.39 -11.91 8.55
C SER B 107 -14.14 -11.34 9.22
N VAL B 108 -13.72 -10.19 8.75
CA VAL B 108 -12.71 -9.40 9.45
C VAL B 108 -13.22 -7.97 9.60
N VAL B 109 -13.29 -7.43 10.83
CA VAL B 109 -13.76 -6.07 11.08
C VAL B 109 -12.69 -5.30 11.82
N ILE B 110 -12.60 -4.03 11.48
CA ILE B 110 -11.65 -3.13 12.13
C ILE B 110 -12.39 -2.15 13.03
N ILE B 111 -11.91 -2.01 14.24
CA ILE B 111 -12.40 -1.03 15.22
C ILE B 111 -11.22 -0.12 15.47
N THR B 112 -11.23 1.08 14.88
CA THR B 112 -10.06 1.93 14.96
C THR B 112 -10.28 3.18 15.78
N GLN B 113 -9.27 3.52 16.57
CA GLN B 113 -9.26 4.81 17.28
C GLN B 113 -8.86 5.95 16.38
N ASN B 114 -8.28 5.63 15.22
CA ASN B 114 -7.62 6.65 14.37
C ASN B 114 -8.62 7.35 13.48
N ILE B 115 -8.36 8.63 13.24
CA ILE B 115 -9.27 9.47 12.47
C ILE B 115 -8.79 9.80 11.05
N ASP B 116 -7.71 9.13 10.66
CA ASP B 116 -6.96 9.57 9.44
C ASP B 116 -7.40 8.86 8.17
N GLU B 117 -8.34 7.91 8.25
CA GLU B 117 -8.83 7.12 7.12
C GLU B 117 -7.75 6.30 6.40
N LEU B 118 -6.59 6.09 7.03
CA LEU B 118 -5.57 5.21 6.40
C LEU B 118 -6.04 3.77 6.11
N HIS B 119 -6.92 3.28 6.98
CA HIS B 119 -7.44 1.93 6.74
C HIS B 119 -8.25 1.96 5.45
N HIS B 120 -9.03 3.02 5.22
CA HIS B 120 -9.87 3.08 4.02
C HIS B 120 -8.96 3.21 2.78
N ARG B 121 -7.90 4.01 2.87
CA ARG B 121 -6.99 4.18 1.76
C ARG B 121 -6.26 2.88 1.46
N ALA B 122 -6.08 2.02 2.47
CA ALA B 122 -5.47 0.70 2.25
C ALA B 122 -6.40 -0.29 1.54
N GLY B 123 -7.71 -0.01 1.50
CA GLY B 123 -8.70 -0.94 0.91
C GLY B 123 -9.68 -1.64 1.87
N SER B 124 -9.62 -1.29 3.15
CA SER B 124 -10.52 -1.97 4.10
C SER B 124 -11.94 -1.43 3.86
N LYS B 125 -12.87 -2.35 4.02
CA LYS B 125 -14.31 -2.01 3.92
C LYS B 125 -14.97 -1.91 5.29
N HIS B 126 -14.83 -2.95 6.08
CA HIS B 126 -15.66 -3.08 7.30
C HIS B 126 -14.86 -2.42 8.43
N VAL B 127 -15.03 -1.10 8.55
CA VAL B 127 -14.31 -0.32 9.52
C VAL B 127 -15.23 0.53 10.37
N TYR B 128 -15.10 0.48 11.69
CA TYR B 128 -15.77 1.34 12.67
C TYR B 128 -14.75 2.36 13.20
N GLU B 129 -14.96 3.60 12.84
CA GLU B 129 -14.21 4.70 13.30
C GLU B 129 -14.84 5.24 14.58
N ILE B 130 -14.34 4.77 15.72
CA ILE B 130 -14.98 5.15 17.00
C ILE B 130 -14.74 6.62 17.40
N HIS B 131 -13.77 7.26 16.77
CA HIS B 131 -13.46 8.64 17.05
C HIS B 131 -13.77 9.56 15.90
N GLY B 132 -14.45 9.02 14.87
CA GLY B 132 -14.80 9.86 13.72
C GLY B 132 -13.69 9.95 12.68
N SER B 133 -13.73 11.02 11.90
CA SER B 133 -12.88 11.12 10.76
C SER B 133 -12.54 12.56 10.43
N LEU B 134 -11.28 12.81 10.07
CA LEU B 134 -10.86 14.11 9.57
C LEU B 134 -11.59 14.47 8.27
N PHE B 135 -12.16 13.47 7.59
CA PHE B 135 -12.83 13.66 6.32
C PHE B 135 -14.36 13.46 6.39
N LYS B 136 -14.89 13.80 7.57
CA LYS B 136 -16.33 13.98 7.76
C LYS B 136 -16.62 15.26 8.45
N THR B 137 -17.76 15.84 8.12
CA THR B 137 -18.26 17.03 8.81
C THR B 137 -19.54 16.71 9.57
N ARG B 138 -19.83 17.50 10.61
CA ARG B 138 -21.13 17.45 11.26
C ARG B 138 -21.68 18.87 11.30
N CYS B 139 -22.94 19.04 10.88
CA CYS B 139 -23.58 20.36 10.96
C CYS B 139 -24.02 20.68 12.37
N MET B 140 -23.57 21.83 12.87
CA MET B 140 -23.93 22.29 14.21
C MET B 140 -25.41 22.65 14.38
N SER B 141 -26.07 22.90 13.25
CA SER B 141 -27.52 23.27 13.21
C SER B 141 -28.45 22.10 12.96
N CYS B 142 -28.30 21.31 11.88
CA CYS B 142 -29.23 20.21 11.60
C CYS B 142 -28.67 18.84 11.95
N GLY B 143 -27.40 18.77 12.34
CA GLY B 143 -26.79 17.49 12.81
C GLY B 143 -26.31 16.53 11.72
N GLU B 144 -26.45 16.92 10.45
CA GLU B 144 -26.12 16.02 9.36
C GLU B 144 -24.63 15.72 9.30
N VAL B 145 -24.30 14.45 9.07
CA VAL B 145 -22.91 14.02 8.96
C VAL B 145 -22.67 13.72 7.49
N LYS B 146 -21.61 14.27 6.90
CA LYS B 146 -21.33 14.09 5.49
C LYS B 146 -19.84 13.81 5.30
N ALA B 147 -19.54 12.94 4.34
CA ALA B 147 -18.15 12.77 3.89
C ALA B 147 -17.68 14.03 3.21
N ASN B 148 -16.42 14.40 3.43
CA ASN B 148 -15.86 15.55 2.77
C ASN B 148 -14.34 15.45 2.62
N HIS B 149 -13.90 15.26 1.39
CA HIS B 149 -12.49 15.15 1.05
C HIS B 149 -12.05 16.29 0.18
N LYS B 150 -12.86 17.32 0.08
CA LYS B 150 -12.55 18.46 -0.75
C LYS B 150 -11.27 19.19 -0.25
N SER B 151 -10.35 19.53 -1.16
CA SER B 151 -9.11 20.23 -0.84
C SER B 151 -9.09 21.55 -1.61
N PRO B 152 -9.17 22.72 -0.95
CA PRO B 152 -9.43 22.91 0.48
C PRO B 152 -10.92 22.81 0.80
N ILE B 153 -11.23 22.48 2.04
CA ILE B 153 -12.65 22.29 2.39
C ILE B 153 -13.57 23.49 2.07
N CYS B 154 -13.05 24.70 2.22
CA CYS B 154 -13.76 25.88 1.75
C CYS B 154 -12.70 26.87 1.26
N PRO B 155 -13.10 27.76 0.32
CA PRO B 155 -12.10 28.62 -0.30
C PRO B 155 -11.35 29.49 0.67
N ALA B 156 -11.97 29.97 1.74
CA ALA B 156 -11.31 30.85 2.68
C ALA B 156 -10.10 30.19 3.38
N LEU B 157 -10.12 28.85 3.45
CA LEU B 157 -9.05 28.10 4.06
C LEU B 157 -7.94 27.72 3.10
N ASP B 158 -8.06 28.10 1.84
CA ASP B 158 -7.01 27.80 0.85
C ASP B 158 -5.67 28.38 1.25
N GLY B 159 -4.65 27.53 1.39
CA GLY B 159 -3.33 28.01 1.81
C GLY B 159 -3.16 28.38 3.27
N LYS B 160 -4.20 28.13 4.08
CA LYS B 160 -4.14 28.38 5.52
C LYS B 160 -3.78 27.11 6.30
N GLY B 161 -3.67 27.27 7.61
CA GLY B 161 -3.28 26.17 8.49
C GLY B 161 -1.82 25.90 8.71
N ALA B 162 -0.95 26.80 8.27
CA ALA B 162 0.48 26.52 8.41
C ALA B 162 0.83 26.36 9.88
N PRO B 163 1.72 25.41 10.16
CA PRO B 163 2.06 25.02 11.53
C PRO B 163 3.14 25.82 12.22
N ASP B 164 3.85 26.65 11.48
CA ASP B 164 4.95 27.42 12.03
C ASP B 164 4.52 28.40 13.13
N PRO B 165 5.22 28.39 14.27
CA PRO B 165 4.78 29.21 15.39
C PRO B 165 4.54 30.69 15.12
N ASN B 166 5.14 31.30 14.10
CA ASN B 166 4.97 32.72 13.82
C ASN B 166 3.84 33.06 12.84
N THR B 167 3.12 32.05 12.41
CA THR B 167 2.07 32.23 11.45
C THR B 167 0.96 33.05 12.07
N LYS B 168 0.48 34.04 11.31
CA LYS B 168 -0.70 34.82 11.70
C LYS B 168 -1.98 34.02 11.56
N GLU B 169 -2.93 34.31 12.44
CA GLU B 169 -4.22 33.69 12.33
C GLU B 169 -4.98 34.18 11.10
N ALA B 170 -5.70 33.28 10.43
CA ALA B 170 -6.50 33.64 9.25
C ALA B 170 -7.68 34.50 9.67
N ARG B 171 -8.21 34.28 10.86
CA ARG B 171 -9.38 35.04 11.37
C ARG B 171 -10.51 35.12 10.37
N ILE B 172 -10.91 33.94 9.93
CA ILE B 172 -11.94 33.80 8.91
C ILE B 172 -13.30 34.08 9.54
N PRO B 173 -14.11 34.95 8.90
CA PRO B 173 -15.44 35.19 9.43
C PRO B 173 -16.20 33.88 9.46
N VAL B 174 -16.99 33.64 10.51
CA VAL B 174 -17.67 32.38 10.66
C VAL B 174 -18.55 32.02 9.44
N GLU B 175 -19.09 33.03 8.77
CA GLU B 175 -19.95 32.79 7.63
C GLU B 175 -19.18 32.18 6.48
N LEU B 176 -17.84 32.34 6.46
CA LEU B 176 -17.00 31.85 5.35
C LEU B 176 -16.26 30.55 5.70
N LEU B 177 -16.44 30.04 6.91
CA LEU B 177 -15.97 28.71 7.25
C LEU B 177 -16.90 27.69 6.59
N PRO B 178 -16.58 26.39 6.70
CA PRO B 178 -17.39 25.41 6.00
C PRO B 178 -18.83 25.47 6.49
N ARG B 179 -19.76 25.58 5.54
CA ARG B 179 -21.18 25.64 5.84
C ARG B 179 -21.94 24.46 5.29
N CYS B 180 -23.08 24.20 5.94
CA CYS B 180 -23.99 23.14 5.51
C CYS B 180 -24.65 23.49 4.15
N GLU B 181 -24.67 22.49 3.27
CA GLU B 181 -24.98 22.72 1.86
C GLU B 181 -26.42 22.33 1.50
N ARG B 182 -27.22 21.96 2.50
CA ARG B 182 -28.67 21.83 2.38
C ARG B 182 -29.29 23.23 2.37
N LYS B 183 -30.03 23.59 1.30
CA LYS B 183 -30.56 24.97 1.17
C LYS B 183 -31.42 25.33 2.38
N SER B 184 -32.10 24.33 2.94
CA SER B 184 -32.92 24.60 4.12
C SER B 184 -32.11 24.99 5.37
N CYS B 185 -30.79 24.79 5.42
CA CYS B 185 -30.03 24.94 6.67
C CYS B 185 -28.94 26.00 6.74
N ASN B 186 -27.88 25.77 5.98
CA ASN B 186 -26.66 26.63 6.01
C ASN B 186 -25.85 26.80 7.34
N GLY B 187 -26.02 25.83 8.26
CA GLY B 187 -25.32 25.87 9.55
C GLY B 187 -23.79 25.80 9.44
N LEU B 188 -23.10 26.23 10.47
CA LEU B 188 -21.67 26.04 10.57
C LEU B 188 -21.32 24.54 10.72
N LEU B 189 -20.39 24.04 9.88
CA LEU B 189 -19.92 22.68 10.04
C LEU B 189 -18.78 22.62 11.04
N ARG B 190 -18.69 21.49 11.77
CA ARG B 190 -17.51 21.16 12.56
C ARG B 190 -16.92 19.86 12.07
N PRO B 191 -15.62 19.60 12.35
CA PRO B 191 -15.12 18.22 12.08
C PRO B 191 -15.87 17.17 12.80
N HIS B 192 -16.24 16.07 12.14
CA HIS B 192 -16.99 14.98 12.80
C HIS B 192 -15.97 14.06 13.41
N VAL B 193 -15.27 14.58 14.44
CA VAL B 193 -14.34 13.80 15.26
C VAL B 193 -14.79 13.89 16.69
N VAL B 194 -14.47 12.87 17.44
CA VAL B 194 -14.74 12.91 18.91
C VAL B 194 -13.60 13.73 19.53
N TRP B 195 -13.96 14.84 20.16
CA TRP B 195 -13.02 15.68 20.86
C TRP B 195 -12.88 15.27 22.33
N PHE B 196 -11.85 15.87 22.95
CA PHE B 196 -11.59 15.65 24.39
C PHE B 196 -12.82 16.12 25.15
N GLY B 197 -13.28 15.27 26.03
CA GLY B 197 -14.49 15.49 26.77
C GLY B 197 -15.79 14.98 26.17
N GLU B 198 -15.75 14.44 24.94
CA GLU B 198 -16.95 14.07 24.25
C GLU B 198 -17.11 12.52 24.27
N THR B 199 -18.37 12.12 24.22
CA THR B 199 -18.76 10.75 24.33
C THR B 199 -18.71 10.11 22.96
N LEU B 200 -18.36 8.86 22.96
CA LEU B 200 -18.42 8.05 21.76
C LEU B 200 -19.86 7.89 21.33
N ASP B 201 -20.11 7.72 20.03
CA ASP B 201 -21.48 7.64 19.53
C ASP B 201 -22.09 6.31 20.05
N SER B 202 -23.24 6.38 20.70
CA SER B 202 -23.84 5.14 21.21
C SER B 202 -24.26 4.12 20.12
N ASP B 203 -24.67 4.58 18.93
CA ASP B 203 -25.04 3.73 17.81
C ASP B 203 -23.81 2.93 17.38
N ILE B 204 -22.68 3.62 17.33
CA ILE B 204 -21.45 2.95 16.89
C ILE B 204 -21.05 1.91 17.93
N LEU B 205 -21.13 2.27 19.21
CA LEU B 205 -20.79 1.33 20.26
C LEU B 205 -21.71 0.12 20.26
N THR B 206 -22.99 0.31 19.98
CA THR B 206 -23.83 -0.90 19.93
C THR B 206 -23.45 -1.80 18.72
N ALA B 207 -23.04 -1.21 17.59
CA ALA B 207 -22.61 -2.04 16.44
C ALA B 207 -21.28 -2.75 16.76
N VAL B 208 -20.38 -2.03 17.42
CA VAL B 208 -19.13 -2.63 17.87
C VAL B 208 -19.45 -3.77 18.81
N GLU B 209 -20.40 -3.62 19.73
CA GLU B 209 -20.71 -4.69 20.66
C GLU B 209 -21.20 -5.91 19.94
N ARG B 210 -22.03 -5.74 18.93
CA ARG B 210 -22.54 -6.88 18.11
C ARG B 210 -21.35 -7.63 17.44
N GLU B 211 -20.42 -6.89 16.86
CA GLU B 211 -19.27 -7.51 16.24
C GLU B 211 -18.41 -8.24 17.28
N LEU B 212 -18.15 -7.59 18.40
CA LEU B 212 -17.31 -8.19 19.44
C LEU B 212 -17.99 -9.37 20.04
N GLU B 213 -19.30 -9.42 20.11
CA GLU B 213 -20.02 -10.62 20.69
C GLU B 213 -19.91 -11.79 19.78
N LYS B 214 -19.82 -11.53 18.48
CA LYS B 214 -19.69 -12.57 17.46
C LYS B 214 -18.25 -13.08 17.26
N CYS B 215 -17.29 -12.22 17.53
CA CYS B 215 -15.93 -12.55 17.17
C CYS B 215 -15.32 -13.74 17.91
N ASP B 216 -14.41 -14.48 17.24
CA ASP B 216 -13.78 -15.63 17.84
C ASP B 216 -12.28 -15.49 17.87
N LEU B 217 -11.76 -14.35 17.45
CA LEU B 217 -10.35 -14.02 17.63
C LEU B 217 -10.24 -12.53 17.53
N CYS B 218 -9.38 -11.95 18.36
CA CYS B 218 -9.31 -10.50 18.44
C CYS B 218 -7.84 -10.10 18.44
N LEU B 219 -7.50 -9.10 17.66
CA LEU B 219 -6.13 -8.57 17.55
C LEU B 219 -6.19 -7.14 18.03
N VAL B 220 -5.16 -6.74 18.75
CA VAL B 220 -5.01 -5.39 19.21
C VAL B 220 -3.71 -4.88 18.66
N VAL B 221 -3.79 -3.91 17.74
CA VAL B 221 -2.63 -3.46 16.99
C VAL B 221 -2.27 -1.99 17.25
N GLY B 222 -1.02 -1.72 17.55
CA GLY B 222 -0.58 -0.28 17.75
C GLY B 222 -1.27 0.38 18.95
N THR B 223 -1.52 -0.43 19.95
CA THR B 223 -1.89 0.00 21.27
C THR B 223 -1.90 -1.28 22.11
N SER B 224 -2.34 -1.19 23.35
CA SER B 224 -2.52 -2.42 24.21
C SER B 224 -3.91 -2.65 24.80
N SER B 225 -4.17 -3.90 25.15
CA SER B 225 -5.46 -4.29 25.73
C SER B 225 -5.78 -3.55 26.96
N ILE B 226 -4.78 -3.07 27.73
CA ILE B 226 -5.03 -2.47 29.09
C ILE B 226 -5.13 -0.93 29.13
N VAL B 227 -4.82 -0.32 28.00
CA VAL B 227 -4.89 1.12 27.82
C VAL B 227 -6.26 1.51 27.27
N TYR B 228 -6.83 2.58 27.81
CA TYR B 228 -8.15 3.14 27.30
C TYR B 228 -7.91 3.80 25.94
N PRO B 229 -8.78 3.70 24.94
CA PRO B 229 -10.05 3.02 24.98
C PRO B 229 -9.99 1.59 24.49
N ALA B 230 -8.83 1.09 24.05
CA ALA B 230 -8.77 -0.38 23.75
C ALA B 230 -9.30 -1.26 24.93
N ALA B 231 -9.04 -0.78 26.16
CA ALA B 231 -9.48 -1.44 27.36
C ALA B 231 -10.97 -1.65 27.44
N MET B 232 -11.77 -0.96 26.62
CA MET B 232 -13.25 -1.16 26.56
C MET B 232 -13.72 -2.42 25.85
N PHE B 233 -12.86 -2.90 24.98
CA PHE B 233 -13.23 -4.03 24.11
C PHE B 233 -12.49 -5.29 24.36
N ALA B 234 -11.15 -5.21 24.39
CA ALA B 234 -10.37 -6.44 24.40
C ALA B 234 -10.60 -7.26 25.69
N PRO B 235 -10.61 -6.61 26.87
CA PRO B 235 -10.85 -7.46 28.08
C PRO B 235 -12.22 -8.12 28.05
N GLN B 236 -13.25 -7.48 27.46
CA GLN B 236 -14.59 -8.10 27.33
C GLN B 236 -14.47 -9.42 26.57
N VAL B 237 -13.71 -9.35 25.48
CA VAL B 237 -13.58 -10.53 24.62
C VAL B 237 -12.73 -11.61 25.33
N ALA B 238 -11.63 -11.23 25.96
CA ALA B 238 -10.78 -12.20 26.68
C ALA B 238 -11.53 -12.90 27.76
N SER B 239 -12.43 -12.18 28.46
CA SER B 239 -13.19 -12.81 29.55
C SER B 239 -14.27 -13.80 29.07
N ARG B 240 -14.58 -13.81 27.76
CA ARG B 240 -15.45 -14.88 27.16
C ARG B 240 -14.59 -16.11 26.79
N GLY B 241 -13.28 -16.02 27.01
CA GLY B 241 -12.32 -17.05 26.66
C GLY B 241 -11.83 -16.99 25.22
N VAL B 242 -11.98 -15.85 24.58
CA VAL B 242 -11.59 -15.69 23.17
C VAL B 242 -10.14 -15.18 23.13
N PRO B 243 -9.31 -15.77 22.28
CA PRO B 243 -7.94 -15.34 22.31
C PRO B 243 -7.75 -13.91 21.80
N VAL B 244 -6.80 -13.23 22.42
CA VAL B 244 -6.42 -11.87 22.09
C VAL B 244 -4.94 -11.81 21.82
N ALA B 245 -4.59 -11.17 20.70
CA ALA B 245 -3.18 -11.09 20.30
C ALA B 245 -2.78 -9.64 20.09
N GLU B 246 -1.75 -9.22 20.79
CA GLU B 246 -1.29 -7.85 20.73
C GLU B 246 -0.11 -7.71 19.79
N PHE B 247 -0.15 -6.69 18.94
CA PHE B 247 1.00 -6.30 18.11
C PHE B 247 1.34 -4.89 18.45
N ASN B 248 2.43 -4.63 19.16
CA ASN B 248 2.87 -3.26 19.39
C ASN B 248 4.34 -3.24 19.69
N MET B 249 4.88 -2.04 19.69
CA MET B 249 6.29 -1.89 20.04
C MET B 249 6.04 -0.99 21.19
N GLU B 250 5.75 -1.54 22.37
CA GLU B 250 5.53 -0.67 23.56
C GLU B 250 6.02 -1.31 24.86
N PHE B 258 -2.66 -9.98 26.54
CA PHE B 258 -3.22 -11.21 27.07
C PHE B 258 -2.55 -12.38 26.32
N LYS B 259 -3.22 -13.15 25.45
CA LYS B 259 -2.76 -14.51 25.18
C LYS B 259 -1.54 -14.58 24.25
N TYR B 260 -1.47 -13.65 23.29
CA TYR B 260 -0.21 -13.49 22.54
C TYR B 260 0.26 -12.04 22.49
N HIS B 261 1.55 -11.85 22.41
CA HIS B 261 2.15 -10.56 22.28
C HIS B 261 3.33 -10.66 21.34
N PHE B 262 3.28 -9.89 20.26
CA PHE B 262 4.36 -9.79 19.28
C PHE B 262 4.93 -8.40 19.31
N GLU B 263 6.15 -8.30 19.85
CA GLU B 263 6.83 -7.01 19.96
C GLU B 263 7.47 -6.59 18.64
N GLY B 264 7.20 -5.35 18.27
CA GLY B 264 7.92 -4.68 17.19
C GLY B 264 7.01 -3.76 16.40
N PRO B 265 7.54 -3.12 15.34
CA PRO B 265 6.65 -2.29 14.49
C PRO B 265 5.62 -3.17 13.82
N CYS B 266 4.38 -2.75 13.87
CA CYS B 266 3.28 -3.54 13.32
C CYS B 266 3.39 -3.83 11.84
N GLY B 267 4.05 -2.89 11.14
CA GLY B 267 4.27 -3.08 9.72
C GLY B 267 5.25 -4.21 9.42
N SER B 268 6.03 -4.63 10.42
CA SER B 268 6.85 -5.85 10.29
C SER B 268 6.14 -7.07 10.80
N THR B 269 5.52 -6.98 11.97
CA THR B 269 5.00 -8.20 12.62
C THR B 269 3.67 -8.66 12.06
N LEU B 270 2.85 -7.71 11.64
CA LEU B 270 1.51 -8.09 11.31
C LEU B 270 1.41 -8.86 9.95
N PRO B 271 2.14 -8.41 8.91
CA PRO B 271 1.87 -9.04 7.63
C PRO B 271 2.21 -10.55 7.66
N PRO B 272 3.29 -10.93 8.37
CA PRO B 272 3.61 -12.38 8.45
C PRO B 272 2.56 -13.14 9.26
N ALA B 273 2.06 -12.58 10.36
CA ALA B 273 0.99 -13.20 11.10
C ALA B 273 -0.32 -13.38 10.32
N LEU B 274 -0.65 -12.45 9.41
CA LEU B 274 -1.92 -12.50 8.69
C LEU B 274 -1.90 -13.22 7.31
N GLU B 275 -0.72 -13.65 6.87
CA GLU B 275 -0.59 -14.23 5.48
C GLU B 275 -1.39 -15.53 5.26
C BEZ C 1 12.87 -9.47 -32.43
C BEZ C 1 12.87 -9.49 -32.43
O1 BEZ C 1 11.63 -9.54 -32.42
O1 BEZ C 1 11.64 -9.58 -32.42
C1 BEZ C 1 13.54 -9.72 -33.62
C1 BEZ C 1 13.54 -9.72 -33.63
C2 BEZ C 1 14.89 -10.06 -33.61
C2 BEZ C 1 14.89 -10.04 -33.63
C3 BEZ C 1 15.53 -10.24 -34.82
C3 BEZ C 1 15.53 -10.21 -34.83
C4 BEZ C 1 14.81 -10.10 -35.99
C4 BEZ C 1 14.82 -10.05 -36.01
C5 BEZ C 1 13.47 -9.75 -36.00
C5 BEZ C 1 13.47 -9.72 -36.01
C6 BEZ C 1 12.83 -9.55 -34.80
C6 BEZ C 1 12.84 -9.54 -34.81
N GLY C 2 13.65 -9.03 -31.39
N GLY C 2 13.64 -9.03 -31.40
CA GLY C 2 13.05 -8.64 -30.07
CA GLY C 2 13.04 -8.66 -30.08
C GLY C 2 14.19 -8.30 -29.15
C GLY C 2 14.16 -8.29 -29.17
N VAL C 3 13.88 -7.43 -28.21
N VAL C 3 13.85 -7.40 -28.25
CA VAL C 3 14.82 -6.98 -27.23
CA VAL C 3 14.80 -6.90 -27.28
C VAL C 3 15.08 -8.03 -26.16
C VAL C 3 15.11 -7.95 -26.23
N LEU C 4 16.33 -8.47 -26.05
N LEU C 4 16.39 -8.27 -26.10
CA LEU C 4 16.76 -9.38 -25.00
CA LEU C 4 16.87 -9.23 -25.11
C LEU C 4 16.75 -8.63 -23.67
C LEU C 4 16.86 -8.61 -23.74
N LYS C 5 16.36 -9.27 -22.55
N LYS C 5 16.45 -9.37 -22.74
CA LYS C 5 16.38 -8.56 -21.27
CA LYS C 5 16.51 -8.91 -21.37
C LYS C 5 17.82 -8.39 -20.90
C LYS C 5 17.91 -8.51 -21.04
N GLU C 6 18.12 -7.26 -20.27
N GLU C 6 18.05 -7.37 -20.39
CA GLU C 6 19.50 -6.84 -19.98
CA GLU C 6 19.37 -6.76 -20.09
C GLU C 6 20.36 -6.74 -21.23
C GLU C 6 20.29 -6.64 -21.30
N TYR C 7 19.73 -6.72 -22.41
N TYR C 7 19.71 -6.72 -22.50
CA TYR C 7 20.43 -6.58 -23.67
CA TYR C 7 20.46 -6.57 -23.74
C TYR C 7 21.28 -7.80 -23.91
C TYR C 7 21.30 -7.80 -23.97
N GLY C 8 20.91 -8.91 -23.26
N GLY C 8 20.93 -8.91 -23.31
CA GLY C 8 21.63 -10.16 -23.40
CA GLY C 8 21.65 -10.16 -23.42
C GLY C 8 22.91 -10.16 -22.56
C GLY C 8 22.92 -10.14 -22.59
N VAL C 9 23.14 -9.10 -21.79
N VAL C 9 23.13 -9.09 -21.79
CA VAL C 9 24.36 -9.02 -20.97
CA VAL C 9 24.35 -9.01 -20.97
C VAL C 9 24.16 -9.51 -19.52
C VAL C 9 24.16 -9.51 -19.53
ZN ZN D . -3.12 -24.43 -23.26
ZN ZN E . -27.22 21.60 8.40
N1 EPE F . -8.95 12.37 20.52
C2 EPE F . -9.24 12.71 21.92
C3 EPE F . -10.63 12.30 22.33
N4 EPE F . -10.39 10.88 22.47
C5 EPE F . -10.25 10.31 21.11
C6 EPE F . -9.25 10.98 20.16
C7 EPE F . -11.40 10.04 23.14
C8 EPE F . -12.61 10.73 23.75
O8 EPE F . -13.23 9.74 24.63
C9 EPE F . -7.56 12.68 20.16
C10 EPE F . -7.49 14.18 19.81
S EPE F . -7.10 14.57 18.23
O1S EPE F . -8.26 15.22 17.42
O2S EPE F . -6.77 13.27 17.58
O3S EPE F . -5.79 15.22 18.45
S DMS G . -6.16 -0.20 -2.99
O DMS G . -7.01 -1.37 -2.75
C1 DMS G . -4.87 -0.19 -1.90
C2 DMS G . -7.14 1.09 -2.47
NA NA H . -25.23 8.59 15.04
CAJ FSL I . 15.24 -11.17 -14.86
OAN FSL I . 15.24 -10.01 -14.42
CAK FSL I . 15.08 -12.38 -13.94
CAL FSL I . 13.61 -12.52 -13.55
CAM FSL I . 13.47 -13.64 -12.51
OAP FSL I . 14.28 -13.59 -11.53
OAO FSL I . 12.58 -14.49 -12.71
CAQ FSL I . 13.23 -11.32 -13.02
CAR FSL I . 12.51 -10.43 -13.79
CAS FSL I . 12.17 -9.19 -13.26
CAT FSL I . 12.54 -8.86 -11.97
CAU FSL I . 13.27 -9.76 -11.20
CAV FSL I . 13.63 -10.99 -11.72
CAJ F9V J . 14.86 -11.39 -15.11
OAP F9V J . 15.80 -11.08 -14.39
CAK F9V J . 13.82 -12.40 -14.65
CAL F9V J . 14.05 -12.48 -13.15
CAM F9V J . 13.39 -13.72 -12.57
OAO F9V J . 13.79 -14.05 -11.43
OAN F9V J . 12.47 -14.25 -13.24
CAU F9V J . 13.39 -11.38 -12.71
CAT F9V J . 12.63 -10.71 -13.66
CAS F9V J . 11.94 -9.55 -13.33
CAR F9V J . 11.98 -9.08 -12.02
CAQ F9V J . 12.74 -9.76 -11.06
CAV F9V J . 13.46 -10.91 -11.41
#